data_6YB5
#
_entry.id   6YB5
#
_cell.length_a   59.110
_cell.length_b   73.160
_cell.length_c   140.470
_cell.angle_alpha   90.000
_cell.angle_beta   90.000
_cell.angle_gamma   90.000
#
_symmetry.space_group_name_H-M   'P 21 21 21'
#
loop_
_entity.id
_entity.type
_entity.pdbx_description
1 polymer 'Bacterial cellulose secretion regulator BcsQ'
2 polymer 'Bacterial cellulose secretion regulator BcsR'
3 non-polymer 'MAGNESIUM ION'
4 non-polymer "ADENOSINE-5'-TRIPHOSPHATE"
5 water water
#
loop_
_entity_poly.entity_id
_entity_poly.type
_entity_poly.pdbx_seq_one_letter_code
_entity_poly.pdbx_strand_id
1 'polypeptide(L)'
;MAVLGLQGVRGGVGTTTITAALAWSLQMLGENVLVVDACPDNLLRLSFNVDFTHRQGWARAMLDGQDWRDAGLRYTSQLD
LLPFGQLSIEEQENPQHWQTRLSDICSGLQQLKASGRYQWILIDLPRDASQITHQLLSLCDHSLAIVNVDANCHIRLHQQ
ALPDGAHILINNFRIGSQVQDDIYQLWLQSQRRLLPMLIHRDEAMAECLAAKQPVGEYRSDALAAEEILTLANWCLLNYS
GLKTPVGSKSAAALEHHHHHH
;
A,B,H
2 'polypeptide(L)' MNNNEPDTLPDPAIGYIFQNDIVALKQAFSLPDIDYADISQREQLAAALKRWPLLAEFAQQK C,D
#
loop_
_chem_comp.id
_chem_comp.type
_chem_comp.name
_chem_comp.formula
ATP non-polymer ADENOSINE-5'-TRIPHOSPHATE 'C10 H16 N5 O13 P3'
MG non-polymer 'MAGNESIUM ION' 'Mg 2'
#
# COMPACT_ATOMS: atom_id res chain seq x y z
N ALA A 2 -21.92 5.34 17.09
CA ALA A 2 -21.80 5.21 15.65
C ALA A 2 -20.74 4.19 15.30
N VAL A 3 -20.95 3.50 14.17
CA VAL A 3 -19.97 2.59 13.60
C VAL A 3 -19.20 3.37 12.55
N LEU A 4 -17.88 3.43 12.72
CA LEU A 4 -16.99 4.21 11.86
C LEU A 4 -16.01 3.27 11.17
N GLY A 5 -16.02 3.26 9.85
CA GLY A 5 -15.06 2.49 9.07
C GLY A 5 -13.87 3.33 8.67
N LEU A 6 -12.67 2.74 8.72
CA LEU A 6 -11.47 3.38 8.20
C LEU A 6 -10.86 2.47 7.16
N GLN A 7 -10.58 3.02 5.97
CA GLN A 7 -10.10 2.19 4.87
C GLN A 7 -9.12 3.01 4.04
N GLY A 8 -7.95 2.43 3.76
CA GLY A 8 -6.99 3.12 2.93
C GLY A 8 -7.38 3.10 1.47
N VAL A 9 -7.10 4.20 0.77
CA VAL A 9 -7.26 4.25 -0.68
C VAL A 9 -6.20 3.39 -1.35
N ARG A 10 -5.11 3.13 -0.63
CA ARG A 10 -4.02 2.27 -1.05
C ARG A 10 -3.51 1.59 0.22
N GLY A 11 -2.82 0.47 0.06
CA GLY A 11 -2.12 -0.10 1.21
C GLY A 11 -1.05 0.83 1.73
N GLY A 12 -0.74 0.69 3.01
CA GLY A 12 0.40 1.35 3.61
C GLY A 12 0.26 2.83 3.91
N VAL A 13 -0.93 3.41 3.76
CA VAL A 13 -1.08 4.85 3.95
C VAL A 13 -1.22 5.27 5.41
N GLY A 14 -1.36 4.31 6.34
CA GLY A 14 -1.45 4.61 7.76
C GLY A 14 -2.78 4.27 8.42
N THR A 15 -3.63 3.50 7.73
CA THR A 15 -4.99 3.24 8.21
C THR A 15 -5.00 2.62 9.59
N THR A 16 -4.17 1.60 9.80
CA THR A 16 -4.21 0.87 11.08
C THR A 16 -3.69 1.73 12.22
N THR A 17 -2.58 2.46 12.00
CA THR A 17 -2.04 3.34 13.04
C THR A 17 -3.06 4.40 13.43
N ILE A 18 -3.78 4.93 12.43
CA ILE A 18 -4.77 5.96 12.71
C ILE A 18 -5.97 5.36 13.45
N THR A 19 -6.39 4.16 13.07
CA THR A 19 -7.49 3.52 13.79
C THR A 19 -7.16 3.33 15.26
N ALA A 20 -5.96 2.81 15.55
CA ALA A 20 -5.55 2.62 16.94
C ALA A 20 -5.48 3.96 17.68
N ALA A 21 -4.92 4.98 17.02
CA ALA A 21 -4.76 6.28 17.65
C ALA A 21 -6.09 6.95 17.90
N LEU A 22 -7.02 6.84 16.93
CA LEU A 22 -8.31 7.46 17.08
C LEU A 22 -9.13 6.76 18.16
N ALA A 23 -9.05 5.43 18.23
CA ALA A 23 -9.70 4.73 19.33
C ALA A 23 -9.18 5.19 20.67
N TRP A 24 -7.86 5.32 20.80
CA TRP A 24 -7.27 5.79 22.05
C TRP A 24 -7.77 7.19 22.41
N SER A 25 -7.81 8.10 21.43
N SER A 25 -7.83 8.08 21.42
CA SER A 25 -8.27 9.46 21.71
CA SER A 25 -8.27 9.46 21.67
C SER A 25 -9.73 9.48 22.13
C SER A 25 -9.72 9.49 22.10
N LEU A 26 -10.58 8.69 21.47
CA LEU A 26 -11.99 8.69 21.83
C LEU A 26 -12.20 8.15 23.25
N GLN A 27 -11.46 7.11 23.65
CA GLN A 27 -11.62 6.61 25.00
C GLN A 27 -11.06 7.59 26.04
N MET A 28 -9.99 8.31 25.69
CA MET A 28 -9.47 9.37 26.56
C MET A 28 -10.50 10.45 26.79
N LEU A 29 -11.33 10.73 25.79
CA LEU A 29 -12.39 11.72 25.90
C LEU A 29 -13.63 11.19 26.63
N GLY A 30 -13.59 9.97 27.11
CA GLY A 30 -14.66 9.42 27.92
C GLY A 30 -15.65 8.54 27.19
N GLU A 31 -15.42 8.24 25.91
CA GLU A 31 -16.30 7.36 25.15
C GLU A 31 -15.93 5.90 25.39
N ASN A 32 -16.95 5.03 25.45
CA ASN A 32 -16.73 3.58 25.39
C ASN A 32 -16.57 3.16 23.95
N VAL A 33 -15.45 2.47 23.65
CA VAL A 33 -15.02 2.21 22.28
C VAL A 33 -14.74 0.72 22.12
N LEU A 34 -15.23 0.16 21.02
CA LEU A 34 -14.81 -1.16 20.57
C LEU A 34 -14.07 -0.96 19.25
N VAL A 35 -12.86 -1.51 19.13
N VAL A 35 -12.86 -1.51 19.16
CA VAL A 35 -12.11 -1.42 17.89
CA VAL A 35 -12.09 -1.51 17.92
C VAL A 35 -11.94 -2.83 17.31
C VAL A 35 -12.11 -2.91 17.35
N VAL A 36 -12.35 -3.00 16.05
CA VAL A 36 -12.45 -4.28 15.37
C VAL A 36 -11.46 -4.28 14.22
N ASP A 37 -10.61 -5.32 14.16
CA ASP A 37 -9.71 -5.46 13.03
C ASP A 37 -10.39 -6.35 11.99
N ALA A 38 -10.69 -5.78 10.83
CA ALA A 38 -11.24 -6.57 9.74
C ALA A 38 -10.21 -6.89 8.69
N CYS A 39 -8.90 -6.59 8.97
N CYS A 39 -8.94 -6.65 8.99
CA CYS A 39 -7.88 -6.89 7.98
CA CYS A 39 -7.89 -6.90 8.03
C CYS A 39 -7.28 -8.25 8.27
C CYS A 39 -7.25 -8.25 8.27
N PRO A 40 -7.12 -9.10 7.25
CA PRO A 40 -6.57 -10.44 7.49
C PRO A 40 -5.11 -10.43 7.92
N ASP A 41 -4.37 -9.33 7.77
CA ASP A 41 -3.02 -9.34 8.33
C ASP A 41 -2.99 -9.17 9.84
N ASN A 42 -4.12 -8.81 10.47
CA ASN A 42 -4.26 -8.91 11.92
C ASN A 42 -3.21 -8.07 12.66
N LEU A 43 -2.95 -6.86 12.16
CA LEU A 43 -1.90 -6.01 12.71
C LEU A 43 -2.37 -5.08 13.81
N LEU A 44 -3.66 -4.74 13.85
CA LEU A 44 -4.15 -3.73 14.80
C LEU A 44 -3.83 -4.12 16.24
N ARG A 45 -3.95 -5.41 16.57
CA ARG A 45 -3.76 -5.85 17.95
C ARG A 45 -2.36 -5.50 18.47
N LEU A 46 -1.38 -5.39 17.59
CA LEU A 46 -0.02 -5.15 18.05
C LEU A 46 0.19 -3.71 18.53
N SER A 47 -0.69 -2.78 18.12
CA SER A 47 -0.67 -1.44 18.72
C SER A 47 -1.25 -1.43 20.13
N PHE A 48 -1.76 -2.55 20.62
CA PHE A 48 -2.36 -2.63 21.95
C PHE A 48 -1.68 -3.69 22.80
N ASN A 49 -0.40 -3.95 22.50
CA ASN A 49 0.47 -4.83 23.28
C ASN A 49 -0.06 -6.26 23.36
N VAL A 50 -0.82 -6.70 22.37
CA VAL A 50 -1.21 -8.11 22.29
C VAL A 50 -0.02 -8.92 21.79
N ASP A 51 0.26 -10.04 22.44
CA ASP A 51 1.38 -10.89 22.01
C ASP A 51 1.22 -11.32 20.56
N PHE A 52 2.33 -11.31 19.81
CA PHE A 52 2.27 -11.79 18.43
C PHE A 52 1.76 -13.23 18.36
N THR A 53 2.15 -14.07 19.33
CA THR A 53 1.72 -15.48 19.30
C THR A 53 0.32 -15.70 19.86
N HIS A 54 -0.41 -14.65 20.22
CA HIS A 54 -1.82 -14.76 20.56
C HIS A 54 -2.61 -14.91 19.26
N ARG A 55 -3.08 -16.12 18.98
CA ARG A 55 -3.64 -16.40 17.66
C ARG A 55 -5.13 -16.08 17.56
N GLN A 56 -5.80 -15.89 18.68
CA GLN A 56 -7.26 -15.79 18.68
C GLN A 56 -7.76 -14.48 18.10
N GLY A 57 -8.99 -14.53 17.58
CA GLY A 57 -9.65 -13.35 17.01
C GLY A 57 -11.00 -13.74 16.49
N TRP A 58 -11.77 -12.73 16.08
CA TRP A 58 -13.17 -13.00 15.71
C TRP A 58 -13.26 -13.88 14.47
N ALA A 59 -12.41 -13.63 13.46
CA ALA A 59 -12.47 -14.43 12.24
C ALA A 59 -11.85 -15.80 12.46
N ARG A 60 -10.72 -15.86 13.16
CA ARG A 60 -10.11 -17.14 13.51
C ARG A 60 -11.11 -18.04 14.22
N ALA A 61 -11.80 -17.50 15.23
CA ALA A 61 -12.81 -18.27 15.95
C ALA A 61 -13.92 -18.72 15.02
N MET A 62 -14.45 -17.81 14.21
CA MET A 62 -15.56 -18.15 13.32
C MET A 62 -15.18 -19.26 12.34
N LEU A 63 -13.96 -19.19 11.78
CA LEU A 63 -13.52 -20.21 10.83
C LEU A 63 -13.24 -21.54 11.53
N ASP A 64 -12.93 -21.52 12.82
CA ASP A 64 -12.68 -22.75 13.57
C ASP A 64 -13.94 -23.34 14.18
N GLY A 65 -15.09 -22.72 13.92
CA GLY A 65 -16.33 -23.21 14.48
C GLY A 65 -16.53 -22.85 15.94
N GLN A 66 -15.77 -21.88 16.45
CA GLN A 66 -15.85 -21.44 17.83
C GLN A 66 -16.60 -20.12 17.92
N ASP A 67 -16.66 -19.55 19.12
CA ASP A 67 -17.50 -18.39 19.41
C ASP A 67 -16.68 -17.10 19.31
N TRP A 68 -17.01 -16.25 18.32
CA TRP A 68 -16.26 -15.02 18.12
C TRP A 68 -16.38 -14.08 19.32
N ARG A 69 -17.47 -14.19 20.08
CA ARG A 69 -17.66 -13.30 21.21
C ARG A 69 -16.68 -13.56 22.34
N ASP A 70 -16.00 -14.70 22.33
CA ASP A 70 -14.98 -15.00 23.32
C ASP A 70 -13.60 -14.47 22.95
N ALA A 71 -13.45 -13.79 21.81
CA ALA A 71 -12.16 -13.36 21.32
C ALA A 71 -11.85 -11.89 21.60
N GLY A 72 -12.72 -11.19 22.33
CA GLY A 72 -12.44 -9.80 22.67
C GLY A 72 -11.46 -9.64 23.80
N LEU A 73 -10.72 -8.52 23.77
CA LEU A 73 -9.72 -8.20 24.79
C LEU A 73 -9.98 -6.81 25.35
N ARG A 74 -9.78 -6.66 26.66
CA ARG A 74 -9.90 -5.35 27.29
C ARG A 74 -8.55 -4.66 27.28
N TYR A 75 -8.53 -3.41 26.82
CA TYR A 75 -7.32 -2.60 26.91
C TYR A 75 -7.41 -1.57 28.03
N THR A 76 -8.50 -0.81 28.08
CA THR A 76 -8.83 0.04 29.22
C THR A 76 -10.27 -0.24 29.61
N SER A 77 -10.71 0.38 30.70
CA SER A 77 -12.12 0.24 31.07
C SER A 77 -13.06 0.80 30.01
N GLN A 78 -12.56 1.63 29.08
N GLN A 78 -12.55 1.60 29.07
CA GLN A 78 -13.38 2.20 28.03
CA GLN A 78 -13.39 2.19 28.02
C GLN A 78 -12.91 1.86 26.62
C GLN A 78 -12.93 1.83 26.62
N LEU A 79 -12.01 0.90 26.46
N LEU A 79 -11.96 0.93 26.46
CA LEU A 79 -11.56 0.51 25.12
CA LEU A 79 -11.51 0.49 25.14
C LEU A 79 -11.35 -0.99 25.06
C LEU A 79 -11.39 -1.02 25.13
N ASP A 80 -12.17 -1.67 24.27
CA ASP A 80 -12.07 -3.11 24.01
C ASP A 80 -11.61 -3.32 22.57
N LEU A 81 -10.95 -4.46 22.34
CA LEU A 81 -10.33 -4.77 21.05
C LEU A 81 -10.81 -6.12 20.57
N LEU A 82 -11.12 -6.23 19.27
CA LEU A 82 -11.51 -7.50 18.66
C LEU A 82 -10.54 -7.80 17.51
N PRO A 83 -9.45 -8.51 17.79
CA PRO A 83 -8.49 -8.85 16.73
C PRO A 83 -9.13 -9.73 15.68
N PHE A 84 -8.55 -9.71 14.48
CA PHE A 84 -9.01 -10.60 13.42
C PHE A 84 -8.67 -12.07 13.74
N GLY A 85 -7.48 -12.32 14.28
CA GLY A 85 -6.96 -13.67 14.44
C GLY A 85 -5.90 -13.98 13.39
N GLN A 86 -5.05 -14.96 13.70
CA GLN A 86 -3.94 -15.34 12.82
C GLN A 86 -4.38 -16.39 11.82
N LEU A 87 -4.21 -16.09 10.52
CA LEU A 87 -4.48 -17.04 9.43
C LEU A 87 -3.24 -17.84 9.06
N SER A 88 -3.44 -19.11 8.69
CA SER A 88 -2.35 -19.90 8.13
C SER A 88 -1.95 -19.37 6.76
N ILE A 89 -0.78 -19.79 6.29
CA ILE A 89 -0.33 -19.35 4.96
C ILE A 89 -1.31 -19.80 3.90
N GLU A 90 -1.88 -21.00 4.03
CA GLU A 90 -2.84 -21.47 3.03
C GLU A 90 -4.10 -20.63 3.03
N GLU A 91 -4.60 -20.28 4.22
CA GLU A 91 -5.73 -19.36 4.29
C GLU A 91 -5.38 -18.00 3.70
N GLN A 92 -4.17 -17.51 3.97
CA GLN A 92 -3.73 -16.23 3.41
C GLN A 92 -3.67 -16.26 1.89
N GLU A 93 -3.20 -17.37 1.32
CA GLU A 93 -3.01 -17.45 -0.12
C GLU A 93 -4.28 -17.83 -0.87
N ASN A 94 -5.33 -18.26 -0.18
CA ASN A 94 -6.59 -18.63 -0.82
C ASN A 94 -7.76 -17.97 -0.10
N PRO A 95 -7.83 -16.64 -0.13
CA PRO A 95 -8.87 -15.96 0.67
C PRO A 95 -10.28 -16.21 0.19
N GLN A 96 -10.46 -16.59 -1.08
CA GLN A 96 -11.81 -16.90 -1.56
C GLN A 96 -12.46 -18.02 -0.76
N HIS A 97 -11.68 -18.85 -0.07
CA HIS A 97 -12.23 -19.96 0.70
C HIS A 97 -12.84 -19.52 2.04
N TRP A 98 -12.47 -18.35 2.58
CA TRP A 98 -13.05 -17.90 3.83
C TRP A 98 -13.77 -16.57 3.75
N GLN A 99 -13.57 -15.79 2.67
CA GLN A 99 -14.14 -14.44 2.61
C GLN A 99 -15.66 -14.44 2.50
N THR A 100 -16.29 -15.58 2.21
CA THR A 100 -17.75 -15.69 2.21
C THR A 100 -18.27 -16.46 3.42
N ARG A 101 -17.42 -16.79 4.39
CA ARG A 101 -17.81 -17.59 5.55
C ARG A 101 -17.94 -16.76 6.83
N LEU A 102 -17.87 -15.44 6.73
CA LEU A 102 -17.78 -14.58 7.91
C LEU A 102 -19.00 -13.68 8.09
N SER A 103 -20.09 -13.93 7.36
N SER A 103 -20.09 -13.91 7.34
CA SER A 103 -21.24 -13.02 7.35
CA SER A 103 -21.22 -12.99 7.36
C SER A 103 -21.83 -12.84 8.74
C SER A 103 -21.86 -12.86 8.73
N ASP A 104 -21.69 -13.86 9.61
CA ASP A 104 -22.30 -13.78 10.92
C ASP A 104 -21.73 -12.67 11.80
N ILE A 105 -20.54 -12.15 11.48
CA ILE A 105 -20.01 -11.05 12.29
C ILE A 105 -20.87 -9.80 12.10
N CYS A 106 -21.54 -9.67 10.95
CA CYS A 106 -22.32 -8.48 10.68
C CYS A 106 -23.59 -8.44 11.53
N SER A 107 -24.34 -9.54 11.58
CA SER A 107 -25.49 -9.56 12.47
C SER A 107 -25.05 -9.36 13.93
N GLY A 108 -23.91 -9.94 14.30
CA GLY A 108 -23.42 -9.75 15.65
C GLY A 108 -23.07 -8.31 15.97
N LEU A 109 -22.38 -7.63 15.05
CA LEU A 109 -22.05 -6.23 15.28
C LEU A 109 -23.29 -5.35 15.32
N GLN A 110 -24.32 -5.67 14.50
CA GLN A 110 -25.58 -4.94 14.56
C GLN A 110 -26.22 -5.09 15.93
N GLN A 111 -26.20 -6.30 16.49
CA GLN A 111 -26.75 -6.53 17.82
C GLN A 111 -25.94 -5.81 18.89
N LEU A 112 -24.61 -5.82 18.75
CA LEU A 112 -23.75 -5.08 19.67
C LEU A 112 -24.04 -3.58 19.60
N LYS A 113 -24.29 -3.05 18.40
CA LYS A 113 -24.64 -1.64 18.28
C LYS A 113 -25.97 -1.35 18.95
N ALA A 114 -26.94 -2.25 18.80
CA ALA A 114 -28.24 -2.04 19.41
C ALA A 114 -28.16 -2.07 20.93
N SER A 115 -27.18 -2.79 21.49
CA SER A 115 -27.06 -2.90 22.93
C SER A 115 -26.73 -1.57 23.58
N GLY A 116 -26.08 -0.66 22.84
CA GLY A 116 -25.61 0.58 23.43
C GLY A 116 -24.43 0.43 24.36
N ARG A 117 -23.79 -0.75 24.37
CA ARG A 117 -22.61 -0.96 25.21
C ARG A 117 -21.46 -0.04 24.81
N TYR A 118 -21.36 0.30 23.54
CA TYR A 118 -20.27 1.12 23.03
C TYR A 118 -20.85 2.37 22.39
N GLN A 119 -20.21 3.52 22.63
CA GLN A 119 -20.57 4.72 21.90
C GLN A 119 -19.97 4.75 20.51
N TRP A 120 -18.83 4.09 20.33
CA TRP A 120 -18.13 4.07 19.05
C TRP A 120 -17.69 2.64 18.78
N ILE A 121 -17.93 2.17 17.57
CA ILE A 121 -17.34 0.92 17.08
C ILE A 121 -16.51 1.33 15.87
N LEU A 122 -15.19 1.16 15.97
CA LEU A 122 -14.29 1.50 14.88
C LEU A 122 -13.84 0.22 14.20
N ILE A 123 -13.84 0.22 12.86
CA ILE A 123 -13.46 -0.98 12.09
C ILE A 123 -12.33 -0.62 11.15
N ASP A 124 -11.17 -1.30 11.31
CA ASP A 124 -10.05 -1.19 10.39
C ASP A 124 -10.32 -2.10 9.20
N LEU A 125 -10.54 -1.51 8.02
CA LEU A 125 -10.97 -2.24 6.83
C LEU A 125 -9.85 -2.36 5.81
N PRO A 126 -9.71 -3.52 5.17
CA PRO A 126 -8.80 -3.65 4.05
C PRO A 126 -9.49 -3.11 2.80
N ARG A 127 -8.72 -2.95 1.73
CA ARG A 127 -9.31 -2.64 0.43
C ARG A 127 -9.02 -3.84 -0.45
N ASP A 128 -9.97 -4.78 -0.49
CA ASP A 128 -9.82 -5.99 -1.28
C ASP A 128 -11.09 -6.37 -2.04
N ALA A 129 -12.17 -5.60 -1.90
CA ALA A 129 -13.43 -5.84 -2.61
C ALA A 129 -14.01 -7.22 -2.31
N SER A 130 -13.66 -7.79 -1.16
CA SER A 130 -14.21 -9.08 -0.77
C SER A 130 -15.65 -8.92 -0.26
N GLN A 131 -16.36 -10.05 -0.21
CA GLN A 131 -17.73 -10.03 0.32
C GLN A 131 -17.77 -9.50 1.74
N ILE A 132 -16.89 -9.99 2.62
CA ILE A 132 -16.94 -9.56 4.01
C ILE A 132 -16.59 -8.08 4.14
N THR A 133 -15.62 -7.59 3.37
CA THR A 133 -15.31 -6.16 3.44
C THR A 133 -16.52 -5.31 3.03
N HIS A 134 -17.20 -5.71 1.96
CA HIS A 134 -18.39 -4.98 1.51
C HIS A 134 -19.49 -5.00 2.55
N GLN A 135 -19.71 -6.16 3.18
CA GLN A 135 -20.75 -6.28 4.20
C GLN A 135 -20.44 -5.42 5.42
N LEU A 136 -19.17 -5.42 5.86
CA LEU A 136 -18.80 -4.59 7.00
C LEU A 136 -18.93 -3.10 6.67
N LEU A 137 -18.51 -2.69 5.47
CA LEU A 137 -18.71 -1.31 5.05
C LEU A 137 -20.18 -0.92 5.10
N SER A 138 -21.06 -1.83 4.70
CA SER A 138 -22.48 -1.49 4.61
C SER A 138 -23.11 -1.22 5.97
N LEU A 139 -22.53 -1.70 7.06
CA LEU A 139 -23.08 -1.40 8.37
C LEU A 139 -22.42 -0.21 9.05
N CYS A 140 -21.44 0.43 8.40
CA CYS A 140 -20.86 1.63 8.97
C CYS A 140 -21.81 2.81 8.81
N ASP A 141 -21.90 3.63 9.85
CA ASP A 141 -22.65 4.89 9.75
C ASP A 141 -21.86 5.96 9.01
N HIS A 142 -20.53 5.92 9.13
CA HIS A 142 -19.66 6.90 8.51
C HIS A 142 -18.36 6.20 8.17
N SER A 143 -17.55 6.81 7.30
CA SER A 143 -16.28 6.19 6.96
C SER A 143 -15.25 7.24 6.61
N LEU A 144 -14.00 6.87 6.82
CA LEU A 144 -12.85 7.71 6.49
C LEU A 144 -12.03 6.96 5.45
N ALA A 145 -11.71 7.64 4.36
CA ALA A 145 -10.83 7.08 3.32
C ALA A 145 -9.45 7.73 3.51
N ILE A 146 -8.45 6.91 3.82
CA ILE A 146 -7.13 7.43 4.20
C ILE A 146 -6.25 7.54 2.96
N VAL A 147 -5.59 8.70 2.79
CA VAL A 147 -4.68 8.92 1.66
C VAL A 147 -3.35 9.46 2.17
N ASN A 148 -2.35 9.41 1.29
CA ASN A 148 -1.17 10.26 1.37
C ASN A 148 -1.20 11.21 0.18
N VAL A 149 -0.63 12.41 0.33
CA VAL A 149 -0.63 13.36 -0.78
C VAL A 149 0.50 13.01 -1.74
N ASP A 150 0.21 12.20 -2.74
CA ASP A 150 1.21 11.82 -3.72
C ASP A 150 0.51 11.46 -5.02
N ALA A 151 1.32 11.25 -6.07
CA ALA A 151 0.71 11.09 -7.39
C ALA A 151 -0.11 9.80 -7.49
N ASN A 152 0.29 8.75 -6.76
CA ASN A 152 -0.43 7.49 -6.77
C ASN A 152 -1.84 7.69 -6.21
N CYS A 153 -1.96 8.27 -5.02
CA CYS A 153 -3.30 8.50 -4.47
C CYS A 153 -4.09 9.46 -5.35
N HIS A 154 -3.44 10.46 -5.95
CA HIS A 154 -4.15 11.37 -6.83
C HIS A 154 -4.82 10.62 -7.97
N ILE A 155 -4.09 9.73 -8.63
CA ILE A 155 -4.67 8.92 -9.70
C ILE A 155 -5.81 8.06 -9.16
N ARG A 156 -5.58 7.39 -8.02
CA ARG A 156 -6.57 6.44 -7.50
C ARG A 156 -7.92 7.14 -7.26
N LEU A 157 -7.89 8.37 -6.76
CA LEU A 157 -9.13 9.08 -6.49
C LEU A 157 -9.96 9.32 -7.76
N HIS A 158 -9.34 9.24 -8.94
CA HIS A 158 -10.05 9.43 -10.20
C HIS A 158 -10.52 8.11 -10.84
N GLN A 159 -10.20 6.96 -10.25
CA GLN A 159 -10.53 5.70 -10.92
C GLN A 159 -11.07 4.61 -10.02
N GLN A 160 -11.12 4.77 -8.71
CA GLN A 160 -11.69 3.72 -7.88
C GLN A 160 -12.77 4.32 -7.00
N ALA A 161 -13.64 3.44 -6.50
CA ALA A 161 -14.72 3.88 -5.62
C ALA A 161 -14.21 4.13 -4.21
N LEU A 162 -14.73 5.18 -3.58
CA LEU A 162 -14.62 5.36 -2.15
C LEU A 162 -15.90 4.85 -1.49
N PRO A 163 -15.86 4.51 -0.21
CA PRO A 163 -17.10 4.14 0.48
C PRO A 163 -18.12 5.28 0.36
N ASP A 164 -19.39 4.90 0.28
CA ASP A 164 -20.44 5.91 0.16
C ASP A 164 -20.41 6.86 1.35
N GLY A 165 -20.34 8.16 1.07
CA GLY A 165 -20.33 9.17 2.11
C GLY A 165 -19.01 9.36 2.83
N ALA A 166 -17.96 8.62 2.44
CA ALA A 166 -16.67 8.77 3.10
C ALA A 166 -16.14 10.19 2.94
N HIS A 167 -15.43 10.65 3.98
CA HIS A 167 -14.55 11.80 3.85
C HIS A 167 -13.11 11.31 3.72
N ILE A 168 -12.27 12.13 3.10
CA ILE A 168 -10.86 11.81 2.84
C ILE A 168 -10.00 12.42 3.94
N LEU A 169 -9.14 11.59 4.54
CA LEU A 169 -8.20 12.04 5.56
C LEU A 169 -6.77 11.85 5.08
N ILE A 170 -6.01 12.95 5.04
CA ILE A 170 -4.59 12.95 4.67
C ILE A 170 -3.75 12.52 5.86
N ASN A 171 -2.81 11.59 5.62
CA ASN A 171 -1.80 11.20 6.58
C ASN A 171 -0.43 11.32 5.92
N ASN A 172 0.63 11.33 6.75
N ASN A 172 0.61 11.39 6.77
CA ASN A 172 2.01 11.30 6.26
CA ASN A 172 2.00 11.36 6.35
C ASN A 172 2.41 12.61 5.55
C ASN A 172 2.38 12.59 5.54
N PHE A 173 1.76 13.72 5.88
CA PHE A 173 2.03 14.98 5.19
C PHE A 173 3.44 15.47 5.50
N ARG A 174 4.23 15.76 4.47
CA ARG A 174 5.64 16.11 4.63
C ARG A 174 5.86 17.62 4.72
N ILE A 175 7.05 17.97 5.23
CA ILE A 175 7.58 19.32 5.22
C ILE A 175 8.48 19.46 3.99
N GLY A 176 8.21 20.46 3.16
CA GLY A 176 9.17 20.80 2.12
C GLY A 176 9.19 19.88 0.91
N SER A 177 8.02 19.67 0.30
CA SER A 177 7.92 18.92 -0.94
C SER A 177 7.06 19.72 -1.90
N GLN A 178 7.66 20.18 -3.01
CA GLN A 178 6.90 21.01 -3.94
C GLN A 178 5.79 20.22 -4.61
N VAL A 179 6.08 19.00 -5.07
CA VAL A 179 5.03 18.24 -5.75
C VAL A 179 3.89 17.95 -4.78
N GLN A 180 4.21 17.68 -3.51
CA GLN A 180 3.15 17.49 -2.52
C GLN A 180 2.30 18.74 -2.38
N ASP A 181 2.95 19.91 -2.26
CA ASP A 181 2.17 21.14 -2.10
C ASP A 181 1.31 21.40 -3.32
N ASP A 182 1.82 21.07 -4.51
CA ASP A 182 1.03 21.31 -5.72
C ASP A 182 -0.21 20.42 -5.76
N ILE A 183 -0.05 19.14 -5.45
CA ILE A 183 -1.20 18.24 -5.39
C ILE A 183 -2.18 18.71 -4.33
N TYR A 184 -1.67 19.07 -3.15
CA TYR A 184 -2.53 19.49 -2.04
C TYR A 184 -3.32 20.73 -2.40
N GLN A 185 -2.66 21.74 -2.96
CA GLN A 185 -3.38 22.97 -3.33
C GLN A 185 -4.47 22.67 -4.37
N LEU A 186 -4.18 21.77 -5.31
CA LEU A 186 -5.18 21.37 -6.28
C LEU A 186 -6.34 20.66 -5.60
N TRP A 187 -6.05 19.75 -4.66
CA TRP A 187 -7.10 19.06 -3.93
C TRP A 187 -7.99 20.03 -3.16
N LEU A 188 -7.39 21.07 -2.54
CA LEU A 188 -8.19 22.00 -1.76
C LEU A 188 -9.26 22.67 -2.62
N GLN A 189 -8.99 22.84 -3.91
CA GLN A 189 -9.90 23.51 -4.84
C GLN A 189 -10.83 22.55 -5.56
N SER A 190 -10.61 21.23 -5.49
CA SER A 190 -11.34 20.30 -6.32
C SER A 190 -11.90 19.07 -5.61
N GLN A 191 -11.34 18.65 -4.47
CA GLN A 191 -11.77 17.42 -3.80
C GLN A 191 -12.82 17.76 -2.75
N ARG A 192 -14.09 17.58 -3.09
CA ARG A 192 -15.15 18.02 -2.18
C ARG A 192 -15.25 17.17 -0.92
N ARG A 193 -14.60 16.00 -0.87
CA ARG A 193 -14.71 15.12 0.27
C ARG A 193 -13.56 15.27 1.27
N LEU A 194 -12.63 16.19 1.02
CA LEU A 194 -11.43 16.31 1.84
C LEU A 194 -11.72 16.95 3.20
N LEU A 195 -11.22 16.32 4.27
CA LEU A 195 -11.38 16.87 5.62
C LEU A 195 -10.51 18.10 5.80
N PRO A 196 -10.89 19.00 6.72
CA PRO A 196 -10.11 20.22 6.93
C PRO A 196 -8.86 20.07 7.79
N MET A 197 -8.63 18.91 8.40
CA MET A 197 -7.43 18.65 9.17
C MET A 197 -6.67 17.51 8.53
N LEU A 198 -5.38 17.44 8.80
CA LEU A 198 -4.56 16.36 8.28
C LEU A 198 -3.59 15.90 9.36
N ILE A 199 -2.87 14.82 9.05
CA ILE A 199 -1.89 14.25 9.97
C ILE A 199 -0.52 14.33 9.31
N HIS A 200 0.44 14.93 10.00
CA HIS A 200 1.79 15.06 9.46
C HIS A 200 2.58 13.77 9.63
N ARG A 201 3.56 13.59 8.75
CA ARG A 201 4.63 12.65 9.03
C ARG A 201 5.26 12.99 10.38
N ASP A 202 5.43 11.97 11.22
CA ASP A 202 5.88 12.18 12.60
C ASP A 202 6.59 10.91 13.05
N GLU A 203 7.83 11.05 13.55
CA GLU A 203 8.56 9.87 14.01
C GLU A 203 7.79 9.12 15.09
N ALA A 204 6.96 9.82 15.87
CA ALA A 204 6.13 9.14 16.88
C ALA A 204 5.23 8.08 16.26
N MET A 205 4.71 8.34 15.05
CA MET A 205 3.85 7.38 14.37
C MET A 205 4.63 6.20 13.79
N ALA A 206 5.92 6.38 13.55
CA ALA A 206 6.78 5.27 13.15
C ALA A 206 7.22 4.44 14.35
N GLU A 207 7.42 5.10 15.50
CA GLU A 207 7.89 4.45 16.70
C GLU A 207 6.79 3.72 17.47
N CYS A 208 5.55 4.22 17.45
CA CYS A 208 4.58 3.73 18.42
C CYS A 208 4.29 2.23 18.25
N LEU A 209 4.24 1.74 17.00
CA LEU A 209 4.02 0.31 16.79
C LEU A 209 5.19 -0.53 17.28
N ALA A 210 6.42 -0.03 17.11
CA ALA A 210 7.58 -0.70 17.68
C ALA A 210 7.54 -0.72 19.21
N ALA A 211 6.84 0.23 19.82
CA ALA A 211 6.59 0.25 21.26
C ALA A 211 5.27 -0.43 21.63
N LYS A 212 4.51 -0.92 20.64
CA LYS A 212 3.25 -1.64 20.83
C LYS A 212 2.21 -0.80 21.59
N GLN A 213 2.07 0.46 21.20
CA GLN A 213 1.12 1.39 21.80
C GLN A 213 0.48 2.24 20.72
N PRO A 214 -0.73 2.77 20.99
CA PRO A 214 -1.27 3.83 20.13
C PRO A 214 -0.50 5.14 20.32
N VAL A 215 -0.52 5.98 19.29
CA VAL A 215 0.44 7.10 19.29
C VAL A 215 0.19 8.04 20.46
N GLY A 216 -1.07 8.29 20.81
CA GLY A 216 -1.37 9.25 21.86
C GLY A 216 -0.97 8.75 23.25
N GLU A 217 -0.94 7.43 23.43
CA GLU A 217 -0.40 6.91 24.67
C GLU A 217 1.13 6.95 24.67
N TYR A 218 1.71 6.69 23.50
CA TYR A 218 3.16 6.61 23.39
C TYR A 218 3.81 7.99 23.57
N ARG A 219 3.25 9.02 22.93
CA ARG A 219 3.83 10.35 23.02
C ARG A 219 2.68 11.35 22.89
N SER A 220 2.07 11.70 24.01
CA SER A 220 0.87 12.52 23.96
C SER A 220 1.15 13.92 23.43
N ASP A 221 2.39 14.41 23.52
CA ASP A 221 2.67 15.75 23.02
C ASP A 221 3.20 15.76 21.59
N ALA A 222 3.18 14.63 20.91
CA ALA A 222 3.54 14.59 19.50
C ALA A 222 2.53 15.36 18.67
N LEU A 223 3.02 16.01 17.61
CA LEU A 223 2.12 16.69 16.68
C LEU A 223 1.04 15.74 16.16
N ALA A 224 1.44 14.53 15.74
CA ALA A 224 0.45 13.59 15.22
C ALA A 224 -0.60 13.25 16.27
N ALA A 225 -0.20 13.16 17.54
CA ALA A 225 -1.17 12.87 18.60
C ALA A 225 -2.17 14.01 18.73
N GLU A 226 -1.68 15.25 18.66
CA GLU A 226 -2.57 16.41 18.73
C GLU A 226 -3.51 16.46 17.52
N GLU A 227 -3.00 16.09 16.35
CA GLU A 227 -3.83 16.09 15.14
C GLU A 227 -4.91 15.02 15.20
N ILE A 228 -4.58 13.85 15.77
N ILE A 228 -4.60 13.87 15.80
CA ILE A 228 -5.56 12.79 15.95
CA ILE A 228 -5.61 12.82 15.89
C ILE A 228 -6.65 13.25 16.92
C ILE A 228 -6.62 13.12 16.99
N LEU A 229 -6.25 13.92 17.99
CA LEU A 229 -7.24 14.43 18.95
C LEU A 229 -8.19 15.41 18.26
N THR A 230 -7.66 16.26 17.37
CA THR A 230 -8.53 17.13 16.57
C THR A 230 -9.53 16.32 15.75
N LEU A 231 -9.04 15.26 15.09
CA LEU A 231 -9.91 14.35 14.34
C LEU A 231 -10.98 13.73 15.24
N ALA A 232 -10.59 13.32 16.45
CA ALA A 232 -11.55 12.72 17.37
C ALA A 232 -12.66 13.69 17.71
N ASN A 233 -12.30 14.93 18.01
CA ASN A 233 -13.31 15.95 18.32
C ASN A 233 -14.18 16.24 17.11
N TRP A 234 -13.59 16.25 15.92
CA TRP A 234 -14.38 16.40 14.69
C TRP A 234 -15.38 15.25 14.54
N CYS A 235 -14.94 14.01 14.82
CA CYS A 235 -15.85 12.88 14.71
C CYS A 235 -17.00 12.99 15.71
N LEU A 236 -16.69 13.43 16.94
CA LEU A 236 -17.76 13.61 17.92
C LEU A 236 -18.81 14.60 17.41
N LEU A 237 -18.37 15.69 16.79
CA LEU A 237 -19.34 16.70 16.36
C LEU A 237 -20.09 16.27 15.10
N ASN A 238 -19.43 15.58 14.17
CA ASN A 238 -19.99 15.37 12.84
C ASN A 238 -20.41 13.95 12.53
N TYR A 239 -19.84 12.95 13.22
CA TYR A 239 -20.05 11.56 12.89
C TYR A 239 -20.82 10.80 13.96
N SER A 240 -21.49 11.52 14.88
N SER A 240 -21.48 11.51 14.89
CA SER A 240 -22.21 10.87 15.96
CA SER A 240 -22.19 10.81 15.95
C SER A 240 -23.59 10.39 15.54
C SER A 240 -23.60 10.39 15.54
N GLY A 241 -24.10 10.91 14.42
CA GLY A 241 -25.44 10.53 13.97
C GLY A 241 -25.44 9.15 13.35
N LEU A 242 -26.58 8.48 13.46
CA LEU A 242 -26.72 7.14 12.91
C LEU A 242 -27.35 7.21 11.51
N LYS A 243 -26.96 6.25 10.67
CA LYS A 243 -27.47 6.19 9.31
C LYS A 243 -28.91 5.68 9.31
N THR A 244 -29.71 6.20 8.39
CA THR A 244 -31.12 5.81 8.28
C THR A 244 -31.39 5.09 6.97
N ALA B 2 15.24 -13.31 -19.11
CA ALA B 2 14.63 -13.87 -17.91
C ALA B 2 13.42 -13.05 -17.51
N VAL B 3 12.48 -13.70 -16.84
CA VAL B 3 11.29 -13.04 -16.31
C VAL B 3 11.55 -12.69 -14.86
N LEU B 4 11.39 -11.41 -14.51
CA LEU B 4 11.64 -10.91 -13.16
C LEU B 4 10.34 -10.33 -12.60
N GLY B 5 9.87 -10.88 -11.49
CA GLY B 5 8.68 -10.37 -10.83
C GLY B 5 9.06 -9.41 -9.72
N LEU B 6 8.30 -8.33 -9.56
CA LEU B 6 8.50 -7.40 -8.46
C LEU B 6 7.18 -7.30 -7.71
N GLN B 7 7.23 -7.50 -6.39
CA GLN B 7 5.99 -7.55 -5.62
C GLN B 7 6.23 -6.94 -4.25
N GLY B 8 5.41 -5.96 -3.87
CA GLY B 8 5.55 -5.38 -2.55
C GLY B 8 5.08 -6.33 -1.46
N VAL B 9 5.78 -6.28 -0.32
N VAL B 9 5.77 -6.29 -0.31
CA VAL B 9 5.36 -7.01 0.87
CA VAL B 9 5.28 -7.07 0.82
C VAL B 9 4.06 -6.41 1.42
C VAL B 9 4.03 -6.42 1.42
N ARG B 10 3.80 -5.14 1.13
CA ARG B 10 2.51 -4.53 1.37
C ARG B 10 2.31 -3.46 0.32
N GLY B 11 1.13 -2.86 0.30
CA GLY B 11 0.89 -1.82 -0.67
C GLY B 11 1.69 -0.56 -0.38
N GLY B 12 1.90 0.22 -1.44
CA GLY B 12 2.47 1.55 -1.33
C GLY B 12 3.95 1.63 -1.05
N VAL B 13 4.67 0.51 -1.10
CA VAL B 13 6.10 0.55 -0.75
C VAL B 13 7.00 1.02 -1.89
N GLY B 14 6.46 1.18 -3.09
CA GLY B 14 7.24 1.69 -4.21
C GLY B 14 7.42 0.72 -5.37
N THR B 15 6.68 -0.39 -5.38
CA THR B 15 6.91 -1.47 -6.35
C THR B 15 6.80 -0.99 -7.78
N THR B 16 5.75 -0.21 -8.09
CA THR B 16 5.53 0.22 -9.46
C THR B 16 6.58 1.23 -9.92
N THR B 17 6.92 2.20 -9.06
CA THR B 17 7.94 3.18 -9.41
C THR B 17 9.28 2.51 -9.65
N ILE B 18 9.61 1.51 -8.83
CA ILE B 18 10.85 0.77 -9.01
C ILE B 18 10.81 -0.05 -10.30
N THR B 19 9.67 -0.70 -10.59
CA THR B 19 9.56 -1.48 -11.82
C THR B 19 9.82 -0.61 -13.05
N ALA B 20 9.16 0.56 -13.11
CA ALA B 20 9.39 1.48 -14.22
C ALA B 20 10.85 1.93 -14.28
N ALA B 21 11.42 2.26 -13.12
CA ALA B 21 12.79 2.77 -13.09
C ALA B 21 13.78 1.72 -13.52
N LEU B 22 13.60 0.49 -13.03
CA LEU B 22 14.51 -0.61 -13.37
C LEU B 22 14.41 -0.97 -14.84
N ALA B 23 13.18 -0.99 -15.38
CA ALA B 23 13.02 -1.19 -16.82
C ALA B 23 13.77 -0.13 -17.61
N TRP B 24 13.64 1.14 -17.21
CA TRP B 24 14.36 2.20 -17.91
C TRP B 24 15.87 1.99 -17.83
N SER B 25 16.38 1.66 -16.64
N SER B 25 16.37 1.64 -16.64
CA SER B 25 17.81 1.48 -16.47
CA SER B 25 17.81 1.48 -16.47
C SER B 25 18.33 0.32 -17.32
C SER B 25 18.35 0.31 -17.27
N LEU B 26 17.60 -0.80 -17.33
CA LEU B 26 18.03 -1.93 -18.15
C LEU B 26 18.06 -1.58 -19.63
N GLN B 27 17.05 -0.86 -20.12
CA GLN B 27 17.08 -0.50 -21.54
C GLN B 27 18.17 0.53 -21.82
N MET B 28 18.46 1.40 -20.84
CA MET B 28 19.58 2.33 -20.98
C MET B 28 20.89 1.59 -21.15
N LEU B 29 21.05 0.47 -20.44
CA LEU B 29 22.25 -0.37 -20.56
C LEU B 29 22.23 -1.22 -21.82
N GLY B 30 21.26 -1.04 -22.70
CA GLY B 30 21.25 -1.76 -23.96
C GLY B 30 20.50 -3.09 -23.96
N GLU B 31 19.80 -3.43 -22.89
CA GLU B 31 18.96 -4.63 -22.87
C GLU B 31 17.61 -4.36 -23.52
N ASN B 32 17.07 -5.36 -24.22
CA ASN B 32 15.69 -5.32 -24.69
C ASN B 32 14.74 -5.76 -23.58
N VAL B 33 13.78 -4.91 -23.25
CA VAL B 33 12.94 -5.08 -22.07
C VAL B 33 11.47 -5.06 -22.47
N LEU B 34 10.68 -5.96 -21.89
CA LEU B 34 9.23 -5.85 -21.87
C LEU B 34 8.81 -5.66 -20.42
N VAL B 35 7.95 -4.68 -20.15
N VAL B 35 7.98 -4.65 -20.16
CA VAL B 35 7.46 -4.47 -18.79
CA VAL B 35 7.40 -4.46 -18.85
C VAL B 35 5.94 -4.66 -18.79
C VAL B 35 5.92 -4.80 -18.92
N VAL B 36 5.46 -5.56 -17.94
CA VAL B 36 4.06 -6.01 -17.90
C VAL B 36 3.45 -5.54 -16.59
N ASP B 37 2.29 -4.91 -16.66
CA ASP B 37 1.56 -4.52 -15.45
C ASP B 37 0.54 -5.60 -15.12
N ALA B 38 0.76 -6.33 -14.03
CA ALA B 38 -0.17 -7.33 -13.58
C ALA B 38 -1.10 -6.82 -12.50
N CYS B 39 -1.01 -5.50 -12.17
N CYS B 39 -1.04 -5.54 -12.20
CA CYS B 39 -1.84 -4.93 -11.10
CA CYS B 39 -1.82 -4.93 -11.14
C CYS B 39 -3.13 -4.40 -11.69
C CYS B 39 -3.12 -4.39 -11.69
N PRO B 40 -4.28 -4.75 -11.13
CA PRO B 40 -5.54 -4.23 -11.66
C PRO B 40 -5.70 -2.72 -11.51
N ASP B 41 -4.89 -2.05 -10.67
CA ASP B 41 -4.95 -0.59 -10.60
C ASP B 41 -4.31 0.07 -11.82
N ASN B 42 -3.52 -0.67 -12.62
CA ASN B 42 -3.14 -0.22 -13.96
C ASN B 42 -2.36 1.09 -13.91
N LEU B 43 -1.43 1.21 -12.95
CA LEU B 43 -0.73 2.46 -12.73
C LEU B 43 0.61 2.55 -13.46
N LEU B 44 1.21 1.40 -13.80
CA LEU B 44 2.55 1.41 -14.39
C LEU B 44 2.62 2.26 -15.65
N ARG B 45 1.57 2.18 -16.49
CA ARG B 45 1.57 2.89 -17.77
C ARG B 45 1.78 4.40 -17.61
N LEU B 46 1.39 4.96 -16.46
CA LEU B 46 1.45 6.40 -16.30
C LEU B 46 2.87 6.89 -16.08
N SER B 47 3.80 5.98 -15.77
CA SER B 47 5.22 6.32 -15.74
C SER B 47 5.83 6.37 -17.13
N PHE B 48 5.06 6.06 -18.18
CA PHE B 48 5.56 6.00 -19.55
C PHE B 48 4.73 6.87 -20.47
N ASN B 49 4.14 7.93 -19.90
CA ASN B 49 3.40 8.96 -20.65
C ASN B 49 2.23 8.38 -21.44
N VAL B 50 1.64 7.29 -20.95
CA VAL B 50 0.38 6.80 -21.51
C VAL B 50 -0.76 7.67 -20.96
N ASP B 51 -1.63 8.15 -21.85
CA ASP B 51 -2.74 8.99 -21.41
C ASP B 51 -3.65 8.23 -20.46
N PHE B 52 -4.12 8.91 -19.41
CA PHE B 52 -5.00 8.27 -18.44
C PHE B 52 -6.24 7.68 -19.12
N THR B 53 -6.74 8.36 -20.16
CA THR B 53 -7.94 7.90 -20.84
C THR B 53 -7.70 6.74 -21.81
N HIS B 54 -6.46 6.35 -22.05
CA HIS B 54 -6.13 5.20 -22.88
C HIS B 54 -6.40 3.94 -22.05
N ARG B 55 -7.54 3.29 -22.27
N ARG B 55 -7.54 3.30 -22.27
CA ARG B 55 -7.99 2.23 -21.38
CA ARG B 55 -8.00 2.23 -21.39
C ARG B 55 -7.54 0.83 -21.81
C ARG B 55 -7.52 0.84 -21.80
N GLN B 56 -6.89 0.70 -22.96
CA GLN B 56 -6.48 -0.61 -23.44
C GLN B 56 -5.40 -1.25 -22.57
N GLY B 57 -5.40 -2.57 -22.52
CA GLY B 57 -4.41 -3.33 -21.77
C GLY B 57 -4.62 -4.81 -22.02
N TRP B 58 -3.67 -5.62 -21.54
CA TRP B 58 -3.75 -7.05 -21.85
C TRP B 58 -4.98 -7.68 -21.21
N ALA B 59 -5.30 -7.29 -19.97
CA ALA B 59 -6.43 -7.88 -19.27
C ALA B 59 -7.75 -7.30 -19.77
N ARG B 60 -7.78 -5.99 -20.01
CA ARG B 60 -8.95 -5.38 -20.64
C ARG B 60 -9.30 -6.06 -21.96
N ALA B 61 -8.28 -6.30 -22.80
CA ALA B 61 -8.51 -6.95 -24.09
C ALA B 61 -9.04 -8.37 -23.90
N MET B 62 -8.42 -9.13 -22.99
CA MET B 62 -8.79 -10.53 -22.78
C MET B 62 -10.21 -10.63 -22.25
N LEU B 63 -10.60 -9.74 -21.34
CA LEU B 63 -11.95 -9.76 -20.80
C LEU B 63 -12.97 -9.39 -21.88
N ASP B 64 -12.57 -8.57 -22.85
CA ASP B 64 -13.43 -8.16 -23.94
C ASP B 64 -13.40 -9.13 -25.12
N GLY B 65 -12.76 -10.30 -24.98
CA GLY B 65 -12.73 -11.24 -26.08
C GLY B 65 -11.81 -10.87 -27.21
N GLN B 66 -10.86 -9.97 -26.96
CA GLN B 66 -9.93 -9.50 -27.96
C GLN B 66 -8.54 -10.11 -27.71
N ASP B 67 -7.61 -9.81 -28.62
CA ASP B 67 -6.25 -10.32 -28.58
C ASP B 67 -5.40 -9.41 -27.71
N TRP B 68 -4.85 -9.95 -26.61
CA TRP B 68 -4.05 -9.15 -25.69
C TRP B 68 -2.81 -8.56 -26.36
N ARG B 69 -2.32 -9.21 -27.42
CA ARG B 69 -1.13 -8.70 -28.10
C ARG B 69 -1.38 -7.36 -28.76
N ASP B 70 -2.64 -7.01 -29.06
CA ASP B 70 -2.94 -5.70 -29.62
C ASP B 70 -2.76 -4.56 -28.61
N ALA B 71 -2.54 -4.86 -27.33
CA ALA B 71 -2.44 -3.83 -26.31
C ALA B 71 -1.01 -3.43 -26.00
N GLY B 72 -0.03 -4.01 -26.67
CA GLY B 72 1.35 -3.61 -26.43
C GLY B 72 1.63 -2.20 -26.92
N LEU B 73 2.56 -1.54 -26.23
CA LEU B 73 2.98 -0.18 -26.55
C LEU B 73 4.50 -0.15 -26.58
N ARG B 74 5.06 0.68 -27.48
CA ARG B 74 6.49 0.81 -27.62
C ARG B 74 6.93 2.14 -27.03
N TYR B 75 7.83 2.10 -26.03
CA TYR B 75 8.32 3.33 -25.43
C TYR B 75 9.63 3.77 -26.06
N THR B 76 10.58 2.85 -26.18
CA THR B 76 11.78 3.04 -27.01
C THR B 76 11.98 1.78 -27.82
N SER B 77 12.98 1.80 -28.70
CA SER B 77 13.30 0.58 -29.46
C SER B 77 13.71 -0.58 -28.55
N GLN B 78 14.03 -0.32 -27.29
N GLN B 78 14.02 -0.31 -27.28
CA GLN B 78 14.44 -1.39 -26.37
CA GLN B 78 14.48 -1.34 -26.35
C GLN B 78 13.56 -1.50 -25.14
C GLN B 78 13.56 -1.49 -25.14
N LEU B 79 12.38 -0.87 -25.13
CA LEU B 79 11.47 -0.98 -24.00
C LEU B 79 10.04 -0.96 -24.51
N ASP B 80 9.36 -2.10 -24.41
CA ASP B 80 7.93 -2.24 -24.67
C ASP B 80 7.17 -2.34 -23.35
N LEU B 81 5.88 -1.97 -23.40
CA LEU B 81 5.02 -1.91 -22.22
C LEU B 81 3.72 -2.62 -22.50
N LEU B 82 3.22 -3.34 -21.51
CA LEU B 82 1.92 -4.03 -21.62
C LEU B 82 1.08 -3.60 -20.42
N PRO B 83 0.28 -2.53 -20.57
CA PRO B 83 -0.62 -2.12 -19.50
C PRO B 83 -1.61 -3.21 -19.15
N PHE B 84 -2.12 -3.15 -17.91
CA PHE B 84 -3.20 -4.05 -17.52
C PHE B 84 -4.49 -3.70 -18.26
N GLY B 85 -4.75 -2.40 -18.39
CA GLY B 85 -6.01 -1.89 -18.89
C GLY B 85 -6.90 -1.41 -17.76
N GLN B 86 -7.90 -0.57 -18.11
CA GLN B 86 -8.77 0.05 -17.11
C GLN B 86 -10.01 -0.81 -16.87
N LEU B 87 -10.21 -1.23 -15.63
CA LEU B 87 -11.43 -1.92 -15.20
C LEU B 87 -12.50 -0.91 -14.80
N SER B 88 -13.76 -1.24 -15.09
CA SER B 88 -14.85 -0.44 -14.54
C SER B 88 -14.95 -0.63 -13.03
N ILE B 89 -15.65 0.30 -12.38
CA ILE B 89 -15.95 0.15 -10.95
C ILE B 89 -16.69 -1.15 -10.70
N GLU B 90 -17.65 -1.49 -11.56
CA GLU B 90 -18.38 -2.74 -11.41
C GLU B 90 -17.43 -3.94 -11.43
N GLU B 91 -16.44 -3.93 -12.33
CA GLU B 91 -15.46 -5.00 -12.37
C GLU B 91 -14.56 -4.99 -11.14
N GLN B 92 -14.11 -3.80 -10.72
CA GLN B 92 -13.27 -3.69 -9.53
C GLN B 92 -13.98 -4.23 -8.30
N GLU B 93 -15.28 -4.01 -8.19
CA GLU B 93 -16.01 -4.39 -7.00
C GLU B 93 -16.46 -5.84 -7.02
N ASN B 94 -16.27 -6.54 -8.14
CA ASN B 94 -16.62 -7.96 -8.26
C ASN B 94 -15.45 -8.72 -8.84
N PRO B 95 -14.31 -8.76 -8.14
CA PRO B 95 -13.10 -9.34 -8.75
C PRO B 95 -13.21 -10.81 -9.12
N GLN B 96 -14.08 -11.57 -8.47
CA GLN B 96 -14.16 -12.98 -8.81
C GLN B 96 -14.85 -13.22 -10.15
N HIS B 97 -15.53 -12.22 -10.72
CA HIS B 97 -16.12 -12.39 -12.04
C HIS B 97 -15.10 -12.29 -13.16
N TRP B 98 -13.86 -11.88 -12.87
CA TRP B 98 -12.82 -11.79 -13.90
C TRP B 98 -11.47 -12.36 -13.49
N GLN B 99 -11.20 -12.56 -12.19
CA GLN B 99 -9.89 -13.03 -11.77
C GLN B 99 -9.58 -14.46 -12.21
N THR B 100 -10.57 -15.22 -12.70
CA THR B 100 -10.33 -16.55 -13.22
C THR B 100 -10.41 -16.63 -14.75
N ARG B 101 -10.54 -15.48 -15.42
CA ARG B 101 -10.67 -15.44 -16.87
C ARG B 101 -9.42 -14.93 -17.58
N LEU B 102 -8.29 -14.86 -16.88
CA LEU B 102 -7.10 -14.25 -17.45
C LEU B 102 -5.95 -15.24 -17.66
N SER B 103 -6.18 -16.54 -17.48
CA SER B 103 -5.06 -17.48 -17.40
C SER B 103 -4.33 -17.65 -18.73
N ASP B 104 -4.96 -17.30 -19.85
CA ASP B 104 -4.28 -17.40 -21.15
C ASP B 104 -3.08 -16.46 -21.26
N ILE B 105 -2.93 -15.48 -20.37
CA ILE B 105 -1.79 -14.59 -20.47
C ILE B 105 -0.49 -15.34 -20.19
N CYS B 106 -0.55 -16.43 -19.42
CA CYS B 106 0.67 -17.12 -19.02
C CYS B 106 1.33 -17.79 -20.21
N SER B 107 0.57 -18.62 -20.93
CA SER B 107 1.13 -19.23 -22.13
C SER B 107 1.47 -18.18 -23.17
N GLY B 108 0.72 -17.07 -23.22
CA GLY B 108 1.05 -16.02 -24.16
C GLY B 108 2.39 -15.36 -23.86
N LEU B 109 2.63 -15.04 -22.59
CA LEU B 109 3.92 -14.46 -22.21
C LEU B 109 5.05 -15.46 -22.38
N GLN B 110 4.77 -16.75 -22.13
N GLN B 110 4.78 -16.75 -22.15
CA GLN B 110 5.79 -17.77 -22.38
CA GLN B 110 5.83 -17.75 -22.38
C GLN B 110 6.20 -17.79 -23.84
C GLN B 110 6.21 -17.81 -23.85
N GLN B 111 5.24 -17.66 -24.75
CA GLN B 111 5.56 -17.69 -26.17
C GLN B 111 6.38 -16.46 -26.57
N LEU B 112 6.02 -15.29 -26.01
CA LEU B 112 6.79 -14.08 -26.27
C LEU B 112 8.20 -14.19 -25.71
N LYS B 113 8.33 -14.79 -24.53
CA LYS B 113 9.65 -15.04 -23.96
C LYS B 113 10.47 -15.96 -24.85
N ALA B 114 9.83 -17.00 -25.41
CA ALA B 114 10.55 -17.95 -26.25
C ALA B 114 11.02 -17.35 -27.57
N SER B 115 10.49 -16.20 -27.98
CA SER B 115 10.88 -15.61 -29.26
C SER B 115 12.33 -15.16 -29.25
N GLY B 116 12.85 -14.81 -28.08
CA GLY B 116 14.16 -14.18 -27.98
C GLY B 116 14.18 -12.68 -28.16
N ARG B 117 13.01 -12.04 -28.33
CA ARG B 117 12.98 -10.60 -28.57
C ARG B 117 13.38 -9.79 -27.34
N TYR B 118 13.18 -10.34 -26.14
CA TYR B 118 13.41 -9.62 -24.90
C TYR B 118 14.44 -10.33 -24.04
N GLN B 119 15.45 -9.59 -23.58
N GLN B 119 15.44 -9.59 -23.56
CA GLN B 119 16.35 -10.13 -22.56
CA GLN B 119 16.36 -10.12 -22.57
C GLN B 119 15.69 -10.13 -21.18
C GLN B 119 15.77 -10.06 -21.15
N TRP B 120 14.77 -9.20 -20.93
CA TRP B 120 14.13 -9.06 -19.64
C TRP B 120 12.64 -8.88 -19.86
N ILE B 121 11.85 -9.61 -19.09
CA ILE B 121 10.42 -9.36 -18.97
C ILE B 121 10.17 -9.07 -17.51
N LEU B 122 9.82 -7.82 -17.19
CA LEU B 122 9.56 -7.40 -15.82
C LEU B 122 8.06 -7.36 -15.61
N ILE B 123 7.61 -7.92 -14.49
CA ILE B 123 6.19 -7.97 -14.16
C ILE B 123 5.99 -7.26 -12.82
N ASP B 124 5.17 -6.20 -12.85
CA ASP B 124 4.72 -5.49 -11.66
C ASP B 124 3.54 -6.28 -11.08
N LEU B 125 3.76 -6.92 -9.92
CA LEU B 125 2.80 -7.86 -9.35
C LEU B 125 2.12 -7.24 -8.14
N PRO B 126 0.80 -7.35 -8.04
CA PRO B 126 0.14 -7.05 -6.78
C PRO B 126 0.34 -8.21 -5.82
N ARG B 127 -0.07 -8.01 -4.58
CA ARG B 127 -0.05 -9.06 -3.59
C ARG B 127 -1.47 -9.26 -3.05
N ASP B 128 -2.36 -9.66 -3.96
CA ASP B 128 -3.77 -9.80 -3.66
C ASP B 128 -4.22 -11.27 -3.60
N ALA B 129 -3.29 -12.21 -3.67
CA ALA B 129 -3.56 -13.65 -3.53
C ALA B 129 -4.58 -14.17 -4.54
N SER B 130 -4.68 -13.52 -5.71
CA SER B 130 -5.61 -13.99 -6.73
C SER B 130 -5.01 -15.14 -7.51
N GLN B 131 -5.88 -15.87 -8.21
CA GLN B 131 -5.44 -16.95 -9.07
C GLN B 131 -4.44 -16.44 -10.11
N ILE B 132 -4.75 -15.32 -10.75
CA ILE B 132 -3.88 -14.84 -11.83
C ILE B 132 -2.54 -14.36 -11.27
N THR B 133 -2.55 -13.74 -10.09
CA THR B 133 -1.29 -13.31 -9.48
C THR B 133 -0.39 -14.50 -9.19
N HIS B 134 -0.96 -15.58 -8.65
CA HIS B 134 -0.16 -16.78 -8.37
C HIS B 134 0.42 -17.35 -9.65
N GLN B 135 -0.38 -17.39 -10.72
CA GLN B 135 0.07 -17.97 -11.97
C GLN B 135 1.18 -17.14 -12.61
N LEU B 136 1.07 -15.81 -12.53
CA LEU B 136 2.10 -14.97 -13.12
C LEU B 136 3.39 -15.03 -12.32
N LEU B 137 3.28 -15.07 -10.99
N LEU B 137 3.26 -15.10 -10.99
CA LEU B 137 4.47 -15.22 -10.16
CA LEU B 137 4.44 -15.31 -10.15
C LEU B 137 5.19 -16.54 -10.50
C LEU B 137 5.15 -16.60 -10.50
N SER B 138 4.41 -17.59 -10.78
N SER B 138 4.39 -17.66 -10.80
CA SER B 138 5.02 -18.88 -11.12
CA SER B 138 5.01 -18.94 -11.16
C SER B 138 5.79 -18.83 -12.44
C SER B 138 5.77 -18.87 -12.47
N LEU B 139 5.46 -17.89 -13.33
CA LEU B 139 6.20 -17.72 -14.58
C LEU B 139 7.60 -17.15 -14.36
N CYS B 140 7.82 -16.49 -13.22
CA CYS B 140 9.04 -15.73 -13.02
C CYS B 140 10.24 -16.63 -12.77
N ASP B 141 11.37 -16.27 -13.39
CA ASP B 141 12.64 -16.90 -13.07
C ASP B 141 13.23 -16.39 -11.76
N HIS B 142 12.97 -15.12 -11.44
CA HIS B 142 13.53 -14.47 -10.26
C HIS B 142 12.51 -13.47 -9.77
N SER B 143 12.61 -13.08 -8.50
CA SER B 143 11.66 -12.14 -7.95
C SER B 143 12.34 -11.22 -6.94
N LEU B 144 11.79 -10.01 -6.84
CA LEU B 144 12.20 -9.04 -5.82
C LEU B 144 11.00 -8.75 -4.94
N ALA B 145 11.18 -8.86 -3.63
CA ALA B 145 10.16 -8.46 -2.67
C ALA B 145 10.51 -7.08 -2.15
N ILE B 146 9.61 -6.12 -2.33
CA ILE B 146 9.88 -4.73 -2.02
C ILE B 146 9.38 -4.40 -0.62
N VAL B 147 10.25 -3.80 0.21
CA VAL B 147 9.91 -3.44 1.58
C VAL B 147 10.25 -1.98 1.84
N ASN B 148 9.66 -1.42 2.89
CA ASN B 148 10.18 -0.23 3.55
C ASN B 148 10.63 -0.66 4.94
N VAL B 149 11.63 0.02 5.49
CA VAL B 149 12.15 -0.38 6.80
C VAL B 149 11.27 0.24 7.87
N ASP B 150 10.27 -0.52 8.32
CA ASP B 150 9.34 -0.02 9.33
C ASP B 150 8.73 -1.22 10.06
N ALA B 151 8.02 -0.93 11.14
CA ALA B 151 7.54 -2.01 12.01
C ALA B 151 6.51 -2.89 11.30
N ASN B 152 5.71 -2.30 10.41
CA ASN B 152 4.71 -3.07 9.67
C ASN B 152 5.40 -4.12 8.80
N CYS B 153 6.41 -3.72 8.01
CA CYS B 153 7.09 -4.71 7.18
C CYS B 153 7.85 -5.72 8.03
N HIS B 154 8.39 -5.28 9.17
CA HIS B 154 9.07 -6.21 10.05
C HIS B 154 8.13 -7.32 10.52
N ILE B 155 6.90 -6.96 10.92
CA ILE B 155 5.94 -7.97 11.34
C ILE B 155 5.57 -8.88 10.19
N ARG B 156 5.32 -8.28 9.02
CA ARG B 156 4.88 -9.07 7.87
C ARG B 156 5.91 -10.12 7.48
N LEU B 157 7.20 -9.81 7.64
CA LEU B 157 8.22 -10.79 7.28
C LEU B 157 8.16 -12.04 8.16
N HIS B 158 7.49 -11.97 9.31
CA HIS B 158 7.35 -13.11 10.21
C HIS B 158 6.01 -13.83 10.08
N GLN B 159 5.12 -13.40 9.20
CA GLN B 159 3.82 -14.05 9.12
C GLN B 159 3.28 -14.26 7.73
N GLN B 160 3.93 -13.77 6.67
CA GLN B 160 3.44 -14.02 5.33
C GLN B 160 4.57 -14.58 4.48
N ALA B 161 4.19 -15.27 3.41
CA ALA B 161 5.17 -15.84 2.51
C ALA B 161 5.76 -14.79 1.58
N LEU B 162 7.04 -14.91 1.34
CA LEU B 162 7.71 -14.21 0.25
C LEU B 162 7.68 -15.09 -1.00
N PRO B 163 7.81 -14.51 -2.19
CA PRO B 163 7.97 -15.34 -3.39
C PRO B 163 9.17 -16.25 -3.19
N ASP B 164 9.05 -17.49 -3.69
CA ASP B 164 10.12 -18.46 -3.52
C ASP B 164 11.40 -17.95 -4.17
N GLY B 165 12.49 -17.91 -3.39
CA GLY B 165 13.77 -17.45 -3.89
C GLY B 165 13.91 -15.95 -4.02
N ALA B 166 12.92 -15.17 -3.61
CA ALA B 166 13.01 -13.72 -3.73
C ALA B 166 14.22 -13.18 -2.98
N HIS B 167 14.81 -12.11 -3.52
CA HIS B 167 15.65 -11.22 -2.74
C HIS B 167 14.81 -10.03 -2.31
N ILE B 168 15.25 -9.36 -1.25
CA ILE B 168 14.49 -8.27 -0.63
C ILE B 168 15.16 -6.94 -0.98
N LEU B 169 14.37 -5.99 -1.49
CA LEU B 169 14.86 -4.66 -1.85
C LEU B 169 14.19 -3.62 -0.98
N ILE B 170 15.00 -2.84 -0.27
CA ILE B 170 14.53 -1.73 0.54
C ILE B 170 14.33 -0.50 -0.34
N ASN B 171 13.19 0.17 -0.16
CA ASN B 171 12.91 1.47 -0.73
C ASN B 171 12.55 2.44 0.38
N ASN B 172 12.54 3.75 0.07
CA ASN B 172 12.11 4.79 1.01
C ASN B 172 12.99 4.88 2.25
N PHE B 173 14.28 4.52 2.14
CA PHE B 173 15.17 4.63 3.29
C PHE B 173 15.39 6.09 3.63
N ARG B 174 15.21 6.45 4.90
CA ARG B 174 15.17 7.84 5.33
C ARG B 174 16.36 8.19 6.22
N ILE B 175 16.52 9.49 6.48
CA ILE B 175 17.48 9.97 7.46
C ILE B 175 16.71 10.40 8.71
N GLY B 176 17.45 10.52 9.81
CA GLY B 176 16.89 11.02 11.05
C GLY B 176 15.85 10.14 11.71
N SER B 177 15.97 8.81 11.59
CA SER B 177 14.99 7.89 12.15
C SER B 177 15.70 6.79 12.94
N GLN B 178 15.71 6.93 14.27
CA GLN B 178 16.31 5.92 15.12
C GLN B 178 15.61 4.57 14.95
N VAL B 179 14.27 4.55 14.90
CA VAL B 179 13.61 3.25 14.82
C VAL B 179 13.94 2.56 13.49
N GLN B 180 14.05 3.32 12.41
CA GLN B 180 14.46 2.72 11.14
C GLN B 180 15.86 2.14 11.26
N ASP B 181 16.79 2.91 11.83
CA ASP B 181 18.17 2.44 11.98
C ASP B 181 18.24 1.16 12.80
N ASP B 182 17.41 1.05 13.85
CA ASP B 182 17.40 -0.15 14.69
C ASP B 182 16.84 -1.36 13.93
N ILE B 183 15.73 -1.18 13.22
CA ILE B 183 15.21 -2.29 12.42
C ILE B 183 16.22 -2.71 11.35
N TYR B 184 16.83 -1.73 10.68
CA TYR B 184 17.79 -2.04 9.62
C TYR B 184 18.97 -2.85 10.13
N GLN B 185 19.51 -2.47 11.29
CA GLN B 185 20.66 -3.20 11.83
C GLN B 185 20.26 -4.63 12.15
N LEU B 186 19.03 -4.84 12.63
CA LEU B 186 18.53 -6.17 12.88
C LEU B 186 18.39 -6.96 11.58
N TRP B 187 17.83 -6.34 10.53
CA TRP B 187 17.69 -7.02 9.25
C TRP B 187 19.03 -7.39 8.64
N LEU B 188 20.04 -6.52 8.77
CA LEU B 188 21.35 -6.84 8.21
C LEU B 188 21.86 -8.17 8.75
N GLN B 189 21.56 -8.47 10.01
CA GLN B 189 21.98 -9.72 10.64
C GLN B 189 21.01 -10.86 10.42
N SER B 190 19.73 -10.60 10.15
CA SER B 190 18.73 -11.67 10.16
C SER B 190 18.07 -11.93 8.81
N GLN B 191 18.26 -11.09 7.81
CA GLN B 191 17.64 -11.28 6.50
C GLN B 191 18.74 -11.55 5.49
N ARG B 192 19.00 -12.84 5.24
CA ARG B 192 20.08 -13.25 4.36
C ARG B 192 19.92 -12.73 2.94
N ARG B 193 18.69 -12.61 2.46
CA ARG B 193 18.47 -12.27 1.06
C ARG B 193 18.15 -10.80 0.85
N LEU B 194 18.50 -9.96 1.82
N LEU B 194 18.45 -9.97 1.85
CA LEU B 194 18.46 -8.51 1.63
CA LEU B 194 18.53 -8.53 1.62
C LEU B 194 19.55 -8.07 0.67
C LEU B 194 19.53 -8.24 0.53
N LEU B 195 19.16 -7.35 -0.39
CA LEU B 195 20.11 -6.91 -1.40
C LEU B 195 21.13 -5.95 -0.79
N PRO B 196 22.34 -5.89 -1.37
CA PRO B 196 23.37 -4.99 -0.83
C PRO B 196 23.14 -3.52 -1.17
N MET B 197 22.29 -3.21 -2.15
CA MET B 197 21.91 -1.83 -2.41
C MET B 197 20.48 -1.60 -1.95
N LEU B 198 20.19 -0.36 -1.59
CA LEU B 198 18.84 0.06 -1.25
C LEU B 198 18.53 1.37 -1.95
N ILE B 199 17.26 1.78 -1.91
N ILE B 199 17.26 1.77 -1.91
CA ILE B 199 16.81 3.01 -2.52
CA ILE B 199 16.79 3.00 -2.52
C ILE B 199 16.36 3.96 -1.42
C ILE B 199 16.36 3.95 -1.42
N HIS B 200 16.92 5.16 -1.41
CA HIS B 200 16.54 6.17 -0.43
C HIS B 200 15.23 6.85 -0.81
N ARG B 201 14.53 7.35 0.19
CA ARG B 201 13.49 8.34 -0.06
C ARG B 201 14.13 9.49 -0.84
N ASP B 202 13.48 9.90 -1.92
CA ASP B 202 14.11 10.77 -2.89
C ASP B 202 13.02 11.61 -3.55
N GLU B 203 13.22 12.94 -3.56
CA GLU B 203 12.18 13.79 -4.14
C GLU B 203 11.96 13.50 -5.62
N ALA B 204 13.00 13.05 -6.34
CA ALA B 204 12.80 12.71 -7.75
C ALA B 204 11.87 11.52 -7.93
N MET B 205 11.87 10.58 -6.97
CA MET B 205 10.95 9.44 -7.06
C MET B 205 9.52 9.84 -6.76
N ALA B 206 9.32 10.94 -6.04
CA ALA B 206 7.99 11.48 -5.83
C ALA B 206 7.51 12.29 -7.03
N GLU B 207 8.43 13.01 -7.67
CA GLU B 207 8.07 13.86 -8.80
C GLU B 207 7.92 13.08 -10.12
N CYS B 208 8.67 11.98 -10.31
CA CYS B 208 8.75 11.43 -11.67
C CYS B 208 7.38 10.94 -12.17
N LEU B 209 6.54 10.39 -11.28
CA LEU B 209 5.21 9.96 -11.72
C LEU B 209 4.33 11.15 -12.10
N ALA B 210 4.46 12.26 -11.37
CA ALA B 210 3.71 13.45 -11.77
C ALA B 210 4.21 14.03 -13.09
N ALA B 211 5.46 13.73 -13.47
CA ALA B 211 6.01 14.07 -14.77
C ALA B 211 5.79 12.98 -15.80
N LYS B 212 5.20 11.85 -15.39
CA LYS B 212 4.88 10.70 -16.23
C LYS B 212 6.13 10.11 -16.92
N GLN B 213 7.20 9.94 -16.15
N GLN B 213 7.21 9.96 -16.16
CA GLN B 213 8.47 9.43 -16.64
CA GLN B 213 8.48 9.45 -16.65
C GLN B 213 9.05 8.47 -15.62
C GLN B 213 9.09 8.51 -15.62
N PRO B 214 9.92 7.56 -16.06
CA PRO B 214 10.69 6.77 -15.09
C PRO B 214 11.75 7.66 -14.46
N VAL B 215 12.17 7.32 -13.25
CA VAL B 215 12.99 8.27 -12.50
C VAL B 215 14.31 8.55 -13.22
N GLY B 216 14.93 7.53 -13.82
CA GLY B 216 16.22 7.74 -14.45
C GLY B 216 16.15 8.63 -15.69
N GLU B 217 15.01 8.65 -16.36
CA GLU B 217 14.82 9.58 -17.47
C GLU B 217 14.53 10.98 -16.94
N TYR B 218 13.74 11.06 -15.87
CA TYR B 218 13.33 12.33 -15.32
C TYR B 218 14.50 13.09 -14.70
N ARG B 219 15.35 12.40 -13.93
CA ARG B 219 16.45 13.08 -13.24
C ARG B 219 17.58 12.06 -13.06
N SER B 220 18.45 11.98 -14.08
CA SER B 220 19.47 10.94 -14.07
C SER B 220 20.50 11.12 -12.96
N ASP B 221 20.68 12.33 -12.42
CA ASP B 221 21.64 12.52 -11.34
C ASP B 221 20.98 12.53 -9.95
N ALA B 222 19.73 12.11 -9.85
CA ALA B 222 19.16 11.88 -8.53
C ALA B 222 19.81 10.66 -7.89
N LEU B 223 19.96 10.70 -6.57
CA LEU B 223 20.54 9.55 -5.86
C LEU B 223 19.74 8.28 -6.16
N ALA B 224 18.41 8.37 -6.16
CA ALA B 224 17.62 7.15 -6.40
C ALA B 224 17.87 6.59 -7.80
N ALA B 225 18.08 7.47 -8.79
CA ALA B 225 18.35 6.99 -10.15
C ALA B 225 19.65 6.20 -10.19
N GLU B 226 20.68 6.70 -9.50
CA GLU B 226 21.95 5.98 -9.48
C GLU B 226 21.84 4.70 -8.65
N GLU B 227 21.04 4.70 -7.59
CA GLU B 227 20.82 3.47 -6.84
C GLU B 227 20.10 2.42 -7.70
N ILE B 228 19.12 2.85 -8.50
CA ILE B 228 18.43 1.92 -9.38
C ILE B 228 19.39 1.36 -10.43
N LEU B 229 20.33 2.20 -10.89
CA LEU B 229 21.34 1.71 -11.83
C LEU B 229 22.19 0.62 -11.21
N THR B 230 22.57 0.77 -9.93
N THR B 230 22.58 0.78 -9.94
CA THR B 230 23.33 -0.29 -9.27
CA THR B 230 23.32 -0.26 -9.24
C THR B 230 22.49 -1.56 -9.14
C THR B 230 22.49 -1.54 -9.16
N LEU B 231 21.19 -1.41 -8.90
CA LEU B 231 20.30 -2.56 -8.92
C LEU B 231 20.26 -3.21 -10.30
N ALA B 232 20.16 -2.41 -11.35
CA ALA B 232 20.15 -2.98 -12.70
C ALA B 232 21.41 -3.78 -12.99
N ASN B 233 22.57 -3.22 -12.61
CA ASN B 233 23.81 -3.95 -12.84
C ASN B 233 23.88 -5.23 -12.02
N TRP B 234 23.33 -5.22 -10.79
CA TRP B 234 23.28 -6.45 -10.00
C TRP B 234 22.38 -7.49 -10.68
N CYS B 235 21.27 -7.06 -11.25
CA CYS B 235 20.40 -8.00 -11.97
C CYS B 235 21.12 -8.61 -13.16
N LEU B 236 21.86 -7.81 -13.93
CA LEU B 236 22.59 -8.36 -15.07
C LEU B 236 23.53 -9.47 -14.63
N LEU B 237 24.13 -9.33 -13.44
CA LEU B 237 25.14 -10.29 -13.01
C LEU B 237 24.54 -11.52 -12.34
N ASN B 238 23.37 -11.38 -11.71
CA ASN B 238 22.80 -12.41 -10.85
C ASN B 238 21.49 -13.01 -11.34
N TYR B 239 20.71 -12.28 -12.14
CA TYR B 239 19.36 -12.70 -12.51
C TYR B 239 19.21 -13.01 -14.00
N SER B 240 20.31 -13.15 -14.73
N SER B 240 20.31 -13.16 -14.74
CA SER B 240 20.22 -13.40 -16.17
CA SER B 240 20.18 -13.39 -16.17
C SER B 240 19.85 -14.85 -16.49
C SER B 240 19.87 -14.85 -16.50
N GLY B 241 20.03 -15.77 -15.55
CA GLY B 241 19.74 -17.16 -15.81
C GLY B 241 18.26 -17.49 -15.77
N LEU B 242 17.92 -18.63 -16.34
CA LEU B 242 16.56 -19.13 -16.38
C LEU B 242 16.37 -20.22 -15.34
N LYS B 243 15.16 -20.27 -14.77
CA LYS B 243 14.85 -21.29 -13.78
C LYS B 243 14.84 -22.68 -14.41
N THR B 244 15.27 -23.67 -13.65
CA THR B 244 15.33 -25.05 -14.14
C THR B 244 13.92 -25.64 -14.23
N ALA C 37 34.82 -5.70 15.79
CA ALA C 37 33.84 -5.47 14.74
C ALA C 37 32.65 -6.43 14.88
N ASP C 38 32.95 -7.68 15.21
CA ASP C 38 31.89 -8.66 15.41
C ASP C 38 31.11 -8.36 16.70
N ILE C 39 31.82 -8.17 17.81
CA ILE C 39 31.15 -7.87 19.07
C ILE C 39 30.54 -6.47 19.03
N SER C 40 31.12 -5.56 18.23
CA SER C 40 30.53 -4.24 18.10
C SER C 40 29.12 -4.31 17.52
N GLN C 41 28.91 -5.16 16.52
CA GLN C 41 27.58 -5.31 15.95
C GLN C 41 26.62 -5.92 16.96
N ARG C 42 27.10 -6.89 17.75
CA ARG C 42 26.21 -7.55 18.70
C ARG C 42 25.78 -6.60 19.82
N GLU C 43 26.66 -5.67 20.22
CA GLU C 43 26.31 -4.74 21.29
C GLU C 43 25.30 -3.68 20.82
N GLN C 44 25.43 -3.20 19.59
CA GLN C 44 24.47 -2.23 19.07
C GLN C 44 23.09 -2.88 18.92
N LEU C 45 23.05 -4.14 18.50
CA LEU C 45 21.76 -4.81 18.38
C LEU C 45 21.09 -4.99 19.74
N ALA C 46 21.88 -5.33 20.77
CA ALA C 46 21.32 -5.43 22.11
C ALA C 46 20.59 -4.15 22.51
N ALA C 47 21.18 -2.99 22.21
CA ALA C 47 20.55 -1.73 22.57
C ALA C 47 19.25 -1.51 21.80
N ALA C 48 19.22 -1.89 20.53
CA ALA C 48 18.02 -1.72 19.72
C ALA C 48 16.88 -2.59 20.25
N LEU C 49 17.17 -3.83 20.63
CA LEU C 49 16.12 -4.68 21.18
C LEU C 49 15.63 -4.16 22.52
N LYS C 50 16.50 -3.53 23.31
CA LYS C 50 16.04 -2.94 24.56
C LYS C 50 15.16 -1.73 24.32
N ARG C 51 15.39 -1.01 23.21
CA ARG C 51 14.60 0.19 22.94
C ARG C 51 13.18 -0.15 22.51
N TRP C 52 12.98 -1.28 21.83
CA TRP C 52 11.72 -1.53 21.12
C TRP C 52 11.16 -2.90 21.49
N PRO C 53 10.15 -2.97 22.34
CA PRO C 53 9.62 -4.29 22.72
C PRO C 53 9.14 -5.14 21.54
N LEU C 54 8.63 -4.54 20.47
CA LEU C 54 8.23 -5.34 19.31
C LEU C 54 9.42 -6.11 18.74
N LEU C 55 10.59 -5.45 18.65
CA LEU C 55 11.76 -6.13 18.10
C LEU C 55 12.27 -7.22 19.04
N ALA C 56 12.28 -6.94 20.34
CA ALA C 56 12.72 -7.94 21.32
C ALA C 56 11.82 -9.16 21.27
N GLU C 57 10.51 -8.95 21.19
CA GLU C 57 9.54 -10.04 21.17
C GLU C 57 9.80 -11.00 20.01
N PHE C 58 9.96 -10.45 18.81
CA PHE C 58 10.16 -11.28 17.63
C PHE C 58 11.53 -11.95 17.63
N ALA C 59 12.57 -11.23 18.06
CA ALA C 59 13.91 -11.83 18.12
C ALA C 59 13.96 -12.99 19.10
N GLN C 60 13.28 -12.86 20.24
CA GLN C 60 13.35 -13.86 21.29
C GLN C 60 12.53 -15.11 20.97
N GLN C 61 11.58 -15.03 20.05
CA GLN C 61 10.78 -16.19 19.70
C GLN C 61 11.20 -16.85 18.38
N LYS C 62 12.23 -16.34 17.71
CA LYS C 62 12.77 -16.98 16.50
C LYS C 62 13.45 -18.33 16.79
N ALA D 28 -26.30 4.82 -6.96
CA ALA D 28 -27.04 6.03 -6.61
C ALA D 28 -26.34 7.28 -7.17
N PHE D 29 -27.14 8.23 -7.66
CA PHE D 29 -26.58 9.42 -8.29
C PHE D 29 -26.02 10.36 -7.23
N SER D 30 -24.91 11.00 -7.57
CA SER D 30 -24.34 12.05 -6.74
C SER D 30 -23.70 13.08 -7.64
N LEU D 31 -23.59 14.31 -7.12
CA LEU D 31 -22.82 15.34 -7.79
C LEU D 31 -21.33 14.97 -7.73
N PRO D 32 -20.52 15.52 -8.64
CA PRO D 32 -19.12 15.09 -8.74
C PRO D 32 -18.34 15.30 -7.44
N ASP D 33 -17.69 14.24 -6.96
CA ASP D 33 -16.79 14.34 -5.82
C ASP D 33 -15.54 15.13 -6.14
N ILE D 34 -15.16 15.20 -7.41
CA ILE D 34 -14.01 15.96 -7.88
C ILE D 34 -14.53 16.96 -8.90
N ASP D 35 -14.26 18.24 -8.65
CA ASP D 35 -14.87 19.31 -9.42
C ASP D 35 -13.77 20.25 -9.88
N TYR D 36 -13.45 20.23 -11.18
CA TYR D 36 -12.42 21.08 -11.74
C TYR D 36 -12.96 22.35 -12.37
N ALA D 37 -14.19 22.74 -12.06
CA ALA D 37 -14.76 23.94 -12.65
C ALA D 37 -13.95 25.18 -12.24
N ASP D 38 -13.57 25.97 -13.23
CA ASP D 38 -12.83 27.23 -13.03
C ASP D 38 -11.44 26.99 -12.44
N ILE D 39 -10.89 25.78 -12.57
CA ILE D 39 -9.55 25.51 -12.04
C ILE D 39 -8.49 26.32 -12.79
N SER D 40 -8.66 26.48 -14.10
CA SER D 40 -7.69 27.21 -14.91
C SER D 40 -7.82 28.72 -14.76
N GLN D 41 -8.55 29.20 -13.76
CA GLN D 41 -8.63 30.62 -13.44
C GLN D 41 -8.12 30.92 -12.03
N ARG D 42 -7.61 29.92 -11.33
CA ARG D 42 -6.90 30.12 -10.08
C ARG D 42 -5.43 30.28 -10.40
N GLU D 43 -4.92 31.51 -10.26
CA GLU D 43 -3.55 31.79 -10.69
C GLU D 43 -2.52 30.98 -9.91
N GLN D 44 -2.81 30.72 -8.63
CA GLN D 44 -1.86 29.94 -7.82
C GLN D 44 -1.72 28.52 -8.34
N LEU D 45 -2.76 27.99 -8.99
CA LEU D 45 -2.73 26.64 -9.51
C LEU D 45 -2.13 26.56 -10.92
N ALA D 46 -2.02 27.70 -11.61
CA ALA D 46 -1.55 27.69 -12.99
C ALA D 46 -0.15 27.09 -13.10
N ALA D 47 0.78 27.57 -12.27
CA ALA D 47 2.14 27.05 -12.32
C ALA D 47 2.18 25.56 -11.99
N ALA D 48 1.36 25.11 -11.04
CA ALA D 48 1.36 23.70 -10.67
C ALA D 48 0.91 22.82 -11.83
N LEU D 49 -0.14 23.23 -12.54
CA LEU D 49 -0.61 22.43 -13.66
C LEU D 49 0.39 22.42 -14.80
N LYS D 50 1.11 23.52 -15.00
CA LYS D 50 2.14 23.54 -16.04
C LYS D 50 3.36 22.71 -15.63
N ARG D 51 3.63 22.61 -14.32
N ARG D 51 3.63 22.59 -14.33
CA ARG D 51 4.78 21.84 -13.86
CA ARG D 51 4.80 21.84 -13.90
C ARG D 51 4.59 20.34 -14.05
C ARG D 51 4.59 20.33 -14.03
N TRP D 52 3.36 19.86 -13.88
CA TRP D 52 3.10 18.41 -13.80
C TRP D 52 2.06 17.95 -14.81
N PRO D 53 2.47 17.27 -15.88
CA PRO D 53 1.50 16.80 -16.88
C PRO D 53 0.44 15.87 -16.31
N LEU D 54 0.78 15.08 -15.28
CA LEU D 54 -0.21 14.21 -14.68
C LEU D 54 -1.37 15.02 -14.11
N LEU D 55 -1.08 16.14 -13.43
CA LEU D 55 -2.15 16.95 -12.83
C LEU D 55 -2.94 17.66 -13.92
N ALA D 56 -2.27 18.12 -14.96
CA ALA D 56 -2.94 18.84 -16.02
C ALA D 56 -3.94 17.96 -16.76
N GLU D 57 -3.61 16.67 -16.93
CA GLU D 57 -4.47 15.86 -17.78
C GLU D 57 -5.80 15.53 -17.11
N PHE D 58 -5.84 15.49 -15.77
CA PHE D 58 -7.12 15.30 -15.10
C PHE D 58 -7.94 16.58 -15.06
N ALA D 59 -7.26 17.73 -14.97
CA ALA D 59 -7.92 19.01 -14.77
C ALA D 59 -8.36 19.67 -16.07
N GLN D 60 -7.90 19.17 -17.22
CA GLN D 60 -8.24 19.76 -18.50
C GLN D 60 -9.74 19.60 -18.79
N GLN D 61 -10.27 20.52 -19.59
CA GLN D 61 -11.69 20.47 -19.91
C GLN D 61 -11.99 19.39 -20.93
N LYS D 62 -13.16 18.78 -20.80
CA LYS D 62 -13.56 17.67 -21.65
C LYS D 62 -14.77 18.05 -22.51
N LEU E 254 28.19 3.52 -6.19
CA LEU E 254 27.55 4.58 -6.95
C LEU E 254 28.57 5.31 -7.81
N GLU E 255 28.08 5.95 -8.88
CA GLU E 255 28.97 6.67 -9.78
C GLU E 255 29.51 7.95 -9.15
N HIS E 256 28.73 8.58 -8.26
CA HIS E 256 29.12 9.85 -7.69
C HIS E 256 28.86 9.84 -6.19
N HIS E 257 29.58 10.71 -5.48
CA HIS E 257 29.36 10.97 -4.06
C HIS E 257 28.50 12.20 -3.82
N HIS E 258 28.02 12.85 -4.89
CA HIS E 258 27.16 14.02 -4.82
C HIS E 258 26.02 13.87 -5.81
N HIS E 259 24.83 14.33 -5.44
CA HIS E 259 23.65 14.16 -6.27
C HIS E 259 22.75 15.38 -6.18
N HIS E 260 21.74 15.39 -7.04
CA HIS E 260 20.88 16.57 -7.21
C HIS E 260 20.07 16.84 -5.94
N HIS E 261 20.02 18.11 -5.54
CA HIS E 261 19.18 18.52 -4.42
C HIS E 261 18.21 19.61 -4.86
MG MG F . -3.37 -1.79 8.15
PG ATP G . -1.42 -2.03 5.56
O1G ATP G . -0.35 -3.00 5.92
O2G ATP G . -1.69 -1.84 4.11
O3G ATP G . -2.72 -2.32 6.29
PB ATP G . -1.70 0.62 6.75
O1B ATP G . -2.26 1.52 5.76
O2B ATP G . -2.63 0.08 7.82
O3B ATP G . -0.94 -0.60 6.08
PA ATP G . 0.11 1.28 8.95
O1A ATP G . 0.39 -0.10 9.40
O2A ATP G . -0.76 2.11 9.86
O3A ATP G . -0.49 1.36 7.48
O5' ATP G . 1.44 2.13 8.78
C5' ATP G . 2.49 1.69 7.87
C4' ATP G . 3.79 2.18 8.44
O4' ATP G . 3.87 3.62 8.27
C3' ATP G . 3.98 1.88 9.93
O3' ATP G . 5.23 1.23 10.21
C2' ATP G . 3.80 3.24 10.61
O2' ATP G . 4.64 3.31 11.74
C1' ATP G . 4.18 4.23 9.51
N9 ATP G . 3.43 5.50 9.58
C8 ATP G . 2.07 5.64 9.50
N7 ATP G . 1.65 6.87 9.63
C5 ATP G . 2.81 7.61 9.81
C6 ATP G . 3.05 8.98 10.03
N6 ATP G . 2.08 9.91 10.07
N1 ATP G . 4.33 9.37 10.20
C2 ATP G . 5.30 8.46 10.12
N3 ATP G . 5.20 7.14 9.91
C4 ATP G . 3.93 6.78 9.77
MG MG H . 1.96 -0.48 -7.71
PG ATP I . 0.45 0.29 -4.93
O1G ATP I . 0.06 -0.41 -3.69
O2G ATP I . -0.52 1.32 -5.41
O3G ATP I . 0.75 -0.70 -6.07
PB ATP I . 3.33 0.73 -5.04
O1B ATP I . 3.98 -0.08 -4.00
O2B ATP I . 3.42 0.25 -6.48
O3B ATP I . 1.82 1.07 -4.68
PA ATP I . 4.30 3.31 -6.02
O1A ATP I . 3.09 3.64 -6.82
O2A ATP I . 5.54 2.90 -6.77
O3A ATP I . 3.97 2.18 -4.95
O5' ATP I . 4.70 4.50 -5.06
C5' ATP I . 3.71 5.11 -4.19
C4' ATP I . 4.05 6.59 -4.12
O4' ATP I . 5.32 6.76 -3.45
C3' ATP I . 4.15 7.28 -5.49
O3' ATP I . 3.53 8.57 -5.53
C2' ATP I . 5.67 7.42 -5.69
O2' ATP I . 5.89 8.61 -6.44
C1' ATP I . 6.20 7.52 -4.26
N9 ATP I . 7.55 6.97 -4.07
C8 ATP I . 7.95 5.69 -4.34
N7 ATP I . 9.21 5.45 -4.04
C5 ATP I . 9.66 6.66 -3.53
C6 ATP I . 10.92 7.06 -3.01
N6 ATP I . 11.99 6.28 -2.97
N1 ATP I . 11.02 8.33 -2.55
C2 ATP I . 9.96 9.13 -2.62
N3 ATP I . 8.74 8.86 -3.10
C4 ATP I . 8.65 7.61 -3.54
#